data_5WJJ
#
_entry.id   5WJJ
#
_cell.length_a   69.813
_cell.length_b   69.974
_cell.length_c   73.878
_cell.angle_alpha   90.00
_cell.angle_beta   90.00
_cell.angle_gamma   90.00
#
_symmetry.space_group_name_H-M   'P 21 21 21'
#
loop_
_entity.id
_entity.type
_entity.pdbx_description
1 polymer 'Mitogen-activated protein kinase 14'
2 non-polymer N-{4-[2-(4-fluoro-3-methylphenyl)imidazo[1,2-b]pyridazin-3-yl]pyridin-2-yl}-2-methyl-1-oxo-1lambda~5~-pyridine-4-carboxamide
3 water water
#
_entity_poly.entity_id   1
_entity_poly.type   'polypeptide(L)'
_entity_poly.pdbx_seq_one_letter_code
;GAMGSMSQERPTFYRQELNKTIWEVPERYQNLSPVGSGAYGSVCAAFDTKTGLRVAVKKLSRPFQSIIHAKRTYRELRLL
KHMKHENVIGLLDVFTPARSLEEFNDVYLVTHLMGADLNNIVKSQKLTDDHVQFLIYQILRGLKYIHSADIIHRDLKPSN
LAVNEDSELKILDFGLARHTDDEMTGYVATRWYRAPEIMLNWMHYNQTVDIWSVGCIMAELLTGRTLFPGTDHIDQLKLI
LRLVGTPGAELLKKISSESARNYIQSLTQMPKMNFANVFIGANPLAVDLLEKMLVLDSDKRITAAQALAHAYFAQYHDPD
DEPVADPYDQSFESRDLLIDEWKSLTYDEVISFVPPPLDQEEMES
;
_entity_poly.pdbx_strand_id   A
#
loop_
_chem_comp.id
_chem_comp.type
_chem_comp.name
_chem_comp.formula
AQY non-polymer N-{4-[2-(4-fluoro-3-methylphenyl)imidazo[1,2-b]pyridazin-3-yl]pyridin-2-yl}-2-methyl-1-oxo-1lambda~5~-pyridine-4-carboxamide 'C25 H19 F N6 O2'
#
# COMPACT_ATOMS: atom_id res chain seq x y z
N ARG A 10 -12.56 -6.31 31.13
CA ARG A 10 -11.44 -6.89 30.34
C ARG A 10 -11.75 -8.34 29.94
N PRO A 11 -11.51 -8.71 28.66
CA PRO A 11 -11.79 -10.08 28.25
C PRO A 11 -10.87 -11.12 28.89
N THR A 12 -11.35 -12.36 28.94
CA THR A 12 -10.52 -13.49 29.35
C THR A 12 -9.60 -13.83 28.20
N PHE A 13 -8.32 -14.02 28.50
CA PHE A 13 -7.33 -14.38 27.48
C PHE A 13 -7.01 -15.87 27.56
N TYR A 14 -6.52 -16.42 26.46
CA TYR A 14 -5.89 -17.74 26.49
C TYR A 14 -4.59 -17.77 25.73
N ARG A 15 -3.81 -18.82 26.00
CA ARG A 15 -2.46 -18.98 25.47
C ARG A 15 -2.37 -20.15 24.49
N GLN A 16 -1.65 -19.96 23.39
CA GLN A 16 -1.47 -21.01 22.38
C GLN A 16 -0.15 -20.84 21.65
N GLU A 17 0.55 -21.93 21.38
CA GLU A 17 1.80 -21.87 20.61
C GLU A 17 1.50 -22.21 19.16
N LEU A 18 1.90 -21.33 18.24
CA LEU A 18 1.79 -21.60 16.80
C LEU A 18 3.10 -21.30 16.08
N ASN A 19 3.61 -22.27 15.30
CA ASN A 19 4.94 -22.16 14.68
C ASN A 19 6.01 -21.60 15.63
N LYS A 20 6.02 -22.14 16.85
CA LYS A 20 6.99 -21.78 17.91
C LYS A 20 6.90 -20.33 18.43
N THR A 21 5.80 -19.65 18.12
CA THR A 21 5.50 -18.32 18.66
C THR A 21 4.33 -18.48 19.63
N ILE A 22 4.45 -17.91 20.83
CA ILE A 22 3.41 -17.98 21.85
C ILE A 22 2.40 -16.83 21.62
N TRP A 23 1.11 -17.17 21.54
CA TRP A 23 0.05 -16.19 21.35
C TRP A 23 -0.80 -16.10 22.60
N GLU A 24 -1.08 -14.88 23.03
CA GLU A 24 -1.97 -14.62 24.17
C GLU A 24 -3.08 -13.72 23.67
N VAL A 25 -4.28 -14.26 23.50
CA VAL A 25 -5.36 -13.52 22.83
C VAL A 25 -6.68 -13.66 23.59
N PRO A 26 -7.55 -12.64 23.47
CA PRO A 26 -8.89 -12.75 24.05
C PRO A 26 -9.62 -13.96 23.51
N GLU A 27 -10.43 -14.59 24.37
CA GLU A 27 -11.18 -15.78 23.96
C GLU A 27 -12.07 -15.57 22.72
N ARG A 28 -12.47 -14.34 22.42
CA ARG A 28 -13.28 -14.14 21.20
C ARG A 28 -12.59 -14.63 19.94
N TYR A 29 -11.26 -14.58 19.90
CA TYR A 29 -10.51 -15.08 18.76
C TYR A 29 -10.24 -16.56 18.91
N GLN A 30 -10.97 -17.37 18.13
CA GLN A 30 -10.88 -18.82 18.22
C GLN A 30 -10.23 -19.39 16.98
N ASN A 31 -9.87 -20.67 17.06
CA ASN A 31 -9.34 -21.42 15.91
C ASN A 31 -8.12 -20.75 15.27
N LEU A 32 -7.12 -20.44 16.11
CA LEU A 32 -5.89 -19.82 15.61
C LEU A 32 -5.18 -20.78 14.67
N SER A 33 -4.77 -20.28 13.50
CA SER A 33 -3.99 -21.10 12.57
C SER A 33 -2.89 -20.22 11.98
N PRO A 34 -1.70 -20.79 11.77
CA PRO A 34 -0.62 -19.92 11.27
C PRO A 34 -0.84 -19.41 9.86
N VAL A 35 -0.46 -18.15 9.62
CA VAL A 35 -0.48 -17.56 8.30
C VAL A 35 0.96 -17.33 7.85
N GLY A 36 1.74 -16.69 8.70
CA GLY A 36 3.15 -16.52 8.39
C GLY A 36 3.88 -15.79 9.47
N SER A 37 5.18 -15.72 9.30
CA SER A 37 6.02 -15.02 10.24
C SER A 37 7.22 -14.49 9.48
N GLY A 38 7.81 -13.43 9.98
CA GLY A 38 8.98 -12.86 9.36
C GLY A 38 9.48 -11.72 10.22
N ALA A 39 10.18 -10.78 9.60
CA ALA A 39 10.70 -9.60 10.28
C ALA A 39 9.57 -8.75 10.90
N TYR A 40 8.39 -8.84 10.29
CA TYR A 40 7.14 -8.19 10.77
C TYR A 40 6.53 -8.70 12.08
N GLY A 41 7.06 -9.80 12.62
CA GLY A 41 6.40 -10.55 13.69
C GLY A 41 5.74 -11.80 13.14
N SER A 42 4.56 -12.12 13.64
CA SER A 42 3.85 -13.31 13.21
C SER A 42 2.39 -13.00 13.00
N VAL A 43 1.78 -13.73 12.07
CA VAL A 43 0.36 -13.56 11.78
C VAL A 43 -0.32 -14.90 11.83
N CYS A 44 -1.49 -14.91 12.46
CA CYS A 44 -2.38 -16.06 12.52
CA CYS A 44 -2.34 -16.08 12.41
C CYS A 44 -3.71 -15.66 11.93
N ALA A 45 -4.45 -16.65 11.47
CA ALA A 45 -5.84 -16.48 11.13
C ALA A 45 -6.64 -16.92 12.35
N ALA A 46 -7.80 -16.30 12.53
CA ALA A 46 -8.67 -16.65 13.63
C ALA A 46 -10.12 -16.44 13.22
N PHE A 47 -11.02 -17.03 13.98
CA PHE A 47 -12.44 -16.78 13.86
C PHE A 47 -12.82 -15.84 14.99
N ASP A 48 -13.40 -14.69 14.66
CA ASP A 48 -13.82 -13.75 15.67
C ASP A 48 -15.24 -14.08 16.06
N THR A 49 -15.41 -14.65 17.24
CA THR A 49 -16.72 -15.12 17.65
C THR A 49 -17.72 -13.98 17.88
N LYS A 50 -17.21 -12.78 18.20
CA LYS A 50 -18.05 -11.63 18.46
C LYS A 50 -18.74 -11.14 17.20
N THR A 51 -18.01 -11.16 16.08
CA THR A 51 -18.51 -10.64 14.80
C THR A 51 -18.85 -11.72 13.77
N GLY A 52 -18.36 -12.94 13.96
CA GLY A 52 -18.48 -13.99 12.96
C GLY A 52 -17.52 -13.83 11.79
N LEU A 53 -16.54 -12.94 11.90
CA LEU A 53 -15.60 -12.68 10.81
C LEU A 53 -14.37 -13.55 10.93
N ARG A 54 -13.79 -13.92 9.78
CA ARG A 54 -12.46 -14.50 9.76
C ARG A 54 -11.48 -13.35 9.80
N VAL A 55 -10.52 -13.42 10.71
CA VAL A 55 -9.61 -12.31 10.91
C VAL A 55 -8.18 -12.78 10.85
N ALA A 56 -7.29 -11.82 10.62
CA ALA A 56 -5.87 -12.01 10.80
C ALA A 56 -5.46 -11.25 12.05
N VAL A 57 -4.65 -11.91 12.86
CA VAL A 57 -4.09 -11.33 14.06
C VAL A 57 -2.59 -11.29 13.88
N LYS A 58 -2.01 -10.12 14.08
CA LYS A 58 -0.57 -9.97 14.00
C LYS A 58 0.01 -9.71 15.36
N LYS A 59 0.99 -10.51 15.75
CA LYS A 59 1.73 -10.25 16.98
C LYS A 59 3.01 -9.54 16.57
N LEU A 60 3.18 -8.31 17.02
CA LEU A 60 4.37 -7.53 16.63
C LEU A 60 5.61 -8.13 17.25
N SER A 61 6.72 -8.06 16.51
CA SER A 61 8.00 -8.59 16.99
C SER A 61 8.72 -7.54 17.79
N ARG A 62 9.01 -7.85 19.06
CA ARG A 62 9.87 -7.02 19.91
C ARG A 62 9.50 -5.52 19.85
N PRO A 63 8.23 -5.21 20.09
CA PRO A 63 7.73 -3.86 19.81
C PRO A 63 8.43 -2.76 20.62
N PHE A 64 8.92 -3.07 21.81
CA PHE A 64 9.55 -2.04 22.67
C PHE A 64 10.98 -2.40 23.06
N GLN A 65 11.66 -3.15 22.19
CA GLN A 65 13.04 -3.56 22.43
C GLN A 65 14.03 -2.41 22.41
N SER A 66 13.73 -1.39 21.62
CA SER A 66 14.61 -0.25 21.41
C SER A 66 13.79 0.96 21.13
N ILE A 67 14.42 2.13 21.17
CA ILE A 67 13.72 3.37 20.84
C ILE A 67 13.11 3.25 19.45
N ILE A 68 13.90 2.77 18.50
CA ILE A 68 13.41 2.65 17.11
C ILE A 68 12.26 1.69 17.00
N HIS A 69 12.34 0.54 17.63
CA HIS A 69 11.22 -0.39 17.57
C HIS A 69 9.98 0.24 18.15
N ALA A 70 10.15 0.93 19.28
CA ALA A 70 9.02 1.53 19.97
C ALA A 70 8.38 2.62 19.12
N LYS A 71 9.19 3.47 18.51
CA LYS A 71 8.67 4.51 17.63
C LYS A 71 7.98 3.88 16.41
N ARG A 72 8.57 2.80 15.88
CA ARG A 72 7.95 2.08 14.75
C ARG A 72 6.60 1.50 15.13
N THR A 73 6.50 0.96 16.33
CA THR A 73 5.27 0.42 16.82
C THR A 73 4.21 1.52 16.90
N TYR A 74 4.58 2.64 17.53
CA TYR A 74 3.67 3.79 17.63
C TYR A 74 3.24 4.27 16.25
N ARG A 75 4.21 4.40 15.34
CA ARG A 75 3.90 4.84 13.97
C ARG A 75 2.86 3.94 13.33
N GLU A 76 3.10 2.63 13.47
CA GLU A 76 2.25 1.62 12.83
C GLU A 76 0.84 1.68 13.39
N LEU A 77 0.74 1.76 14.71
CA LEU A 77 -0.55 1.84 15.35
C LEU A 77 -1.27 3.14 15.05
N ARG A 78 -0.57 4.27 15.09
CA ARG A 78 -1.18 5.54 14.73
C ARG A 78 -1.76 5.52 13.33
N LEU A 79 -0.98 5.02 12.39
CA LEU A 79 -1.42 5.01 11.00
C LEU A 79 -2.65 4.14 10.82
N LEU A 80 -2.59 2.93 11.36
CA LEU A 80 -3.67 1.96 11.22
C LEU A 80 -4.95 2.47 11.85
N LYS A 81 -4.83 3.12 13.01
CA LYS A 81 -5.99 3.74 13.64
C LYS A 81 -6.60 4.86 12.82
N HIS A 82 -5.77 5.56 12.05
CA HIS A 82 -6.27 6.70 11.26
C HIS A 82 -6.92 6.24 9.96
N MET A 83 -6.50 5.11 9.44
CA MET A 83 -6.95 4.67 8.12
C MET A 83 -8.30 4.00 8.23
N LYS A 84 -9.34 4.75 7.85
CA LYS A 84 -10.71 4.28 7.94
C LYS A 84 -11.37 4.48 6.58
N HIS A 85 -11.16 3.50 5.71
CA HIS A 85 -11.60 3.60 4.32
C HIS A 85 -11.73 2.21 3.72
N GLU A 86 -12.73 2.01 2.87
CA GLU A 86 -13.03 0.67 2.34
C GLU A 86 -11.89 0.06 1.54
N ASN A 87 -11.12 0.91 0.86
CA ASN A 87 -9.99 0.47 0.04
C ASN A 87 -8.61 0.60 0.66
N VAL A 88 -8.56 0.75 1.98
CA VAL A 88 -7.31 0.82 2.70
C VAL A 88 -7.36 -0.10 3.90
N ILE A 89 -6.29 -0.83 4.16
CA ILE A 89 -6.26 -1.70 5.33
C ILE A 89 -6.47 -0.89 6.59
N GLY A 90 -7.34 -1.37 7.47
CA GLY A 90 -7.54 -0.73 8.75
C GLY A 90 -7.60 -1.77 9.86
N LEU A 91 -7.99 -1.33 11.03
CA LEU A 91 -8.01 -2.16 12.23
C LEU A 91 -9.40 -2.51 12.63
N LEU A 92 -9.60 -3.80 12.90
CA LEU A 92 -10.78 -4.26 13.61
C LEU A 92 -10.58 -4.22 15.12
N ASP A 93 -9.34 -4.44 15.57
CA ASP A 93 -9.06 -4.52 17.00
C ASP A 93 -7.58 -4.35 17.22
N VAL A 94 -7.21 -3.86 18.39
CA VAL A 94 -5.83 -3.89 18.86
C VAL A 94 -5.93 -4.24 20.32
N PHE A 95 -5.07 -5.14 20.77
CA PHE A 95 -5.10 -5.57 22.15
C PHE A 95 -3.72 -5.95 22.67
N THR A 96 -3.67 -6.06 23.98
CA THR A 96 -2.50 -6.54 24.68
C THR A 96 -2.98 -7.35 25.86
N PRO A 97 -2.28 -8.45 26.17
CA PRO A 97 -2.61 -9.14 27.43
C PRO A 97 -2.26 -8.34 28.70
N ALA A 98 -1.41 -7.32 28.57
CA ALA A 98 -1.07 -6.45 29.70
C ALA A 98 -2.30 -5.78 30.31
N ARG A 99 -2.35 -5.74 31.64
CA ARG A 99 -3.45 -5.05 32.35
C ARG A 99 -3.09 -3.60 32.72
N SER A 100 -1.83 -3.23 32.52
CA SER A 100 -1.33 -1.91 32.88
C SER A 100 -0.14 -1.55 32.00
N LEU A 101 0.22 -0.27 31.97
CA LEU A 101 1.42 0.18 31.27
C LEU A 101 2.69 -0.55 31.74
N GLU A 102 2.77 -0.89 33.01
CA GLU A 102 3.97 -1.51 33.56
C GLU A 102 4.13 -2.94 33.01
N GLU A 103 3.00 -3.61 32.73
CA GLU A 103 3.00 -4.97 32.15
C GLU A 103 3.14 -4.99 30.62
N PHE A 104 3.09 -3.82 29.99
CA PHE A 104 2.88 -3.71 28.56
C PHE A 104 4.13 -4.06 27.75
N ASN A 105 4.13 -5.26 27.15
CA ASN A 105 5.23 -5.72 26.30
C ASN A 105 4.89 -6.29 24.93
N ASP A 106 3.62 -6.61 24.69
CA ASP A 106 3.19 -7.16 23.42
C ASP A 106 2.00 -6.40 22.86
N VAL A 107 1.95 -6.33 21.55
CA VAL A 107 0.91 -5.63 20.81
C VAL A 107 0.40 -6.57 19.76
N TYR A 108 -0.91 -6.75 19.70
CA TYR A 108 -1.54 -7.56 18.70
C TYR A 108 -2.49 -6.68 17.92
N LEU A 109 -2.45 -6.81 16.60
CA LEU A 109 -3.33 -6.09 15.70
C LEU A 109 -4.25 -7.06 15.00
N VAL A 110 -5.51 -6.67 14.82
CA VAL A 110 -6.51 -7.51 14.15
C VAL A 110 -7.10 -6.79 12.94
N THR A 111 -7.19 -7.48 11.83
CA THR A 111 -7.89 -6.95 10.65
C THR A 111 -8.59 -8.10 9.95
N HIS A 112 -9.33 -7.80 8.90
CA HIS A 112 -9.98 -8.86 8.13
C HIS A 112 -8.96 -9.79 7.53
N LEU A 113 -9.24 -11.08 7.53
CA LEU A 113 -8.34 -12.04 6.92
C LEU A 113 -8.44 -11.86 5.41
N MET A 114 -7.29 -11.74 4.74
CA MET A 114 -7.25 -11.58 3.30
C MET A 114 -6.49 -12.74 2.72
N GLY A 115 -6.99 -13.26 1.63
CA GLY A 115 -6.49 -14.52 1.07
C GLY A 115 -5.89 -14.41 -0.31
N ALA A 116 -5.91 -13.23 -0.92
CA ALA A 116 -5.40 -13.10 -2.28
C ALA A 116 -5.01 -11.68 -2.56
N ASP A 117 -3.99 -11.54 -3.39
CA ASP A 117 -3.52 -10.22 -3.81
C ASP A 117 -3.74 -10.08 -5.31
N LEU A 118 -3.41 -8.90 -5.84
CA LEU A 118 -3.71 -8.62 -7.22
C LEU A 118 -3.02 -9.58 -8.19
N ASN A 119 -1.78 -9.96 -7.89
CA ASN A 119 -1.11 -11.03 -8.69
C ASN A 119 -1.91 -12.34 -8.75
N ASN A 120 -2.50 -12.72 -7.63
CA ASN A 120 -3.32 -13.96 -7.54
C ASN A 120 -4.59 -13.93 -8.38
N ILE A 121 -5.23 -12.77 -8.46
CA ILE A 121 -6.41 -12.57 -9.29
C ILE A 121 -6.05 -12.54 -10.78
N VAL A 122 -4.90 -11.96 -11.10
CA VAL A 122 -4.48 -11.73 -12.49
C VAL A 122 -3.85 -12.97 -13.13
N LYS A 123 -2.89 -13.58 -12.43
CA LYS A 123 -2.26 -14.84 -12.88
C LYS A 123 -1.58 -14.72 -14.24
N SER A 124 -0.96 -13.57 -14.51
CA SER A 124 -0.31 -13.29 -15.81
C SER A 124 -1.29 -13.32 -17.01
N GLN A 125 -2.55 -12.94 -16.76
CA GLN A 125 -3.60 -12.91 -17.79
C GLN A 125 -4.13 -11.51 -18.00
N LYS A 126 -4.60 -11.23 -19.21
CA LYS A 126 -5.28 -9.96 -19.44
C LYS A 126 -6.56 -10.03 -18.65
N LEU A 127 -6.88 -8.95 -17.95
CA LEU A 127 -8.20 -8.78 -17.35
C LEU A 127 -9.07 -8.08 -18.35
N THR A 128 -10.40 -8.20 -18.21
CA THR A 128 -11.29 -7.47 -19.11
C THR A 128 -11.21 -6.00 -18.75
N ASP A 129 -11.50 -5.13 -19.72
CA ASP A 129 -11.48 -3.71 -19.47
C ASP A 129 -12.42 -3.30 -18.33
N ASP A 130 -13.61 -3.90 -18.23
CA ASP A 130 -14.52 -3.54 -17.15
CA ASP A 130 -14.53 -3.55 -17.14
C ASP A 130 -13.94 -3.93 -15.77
N HIS A 131 -13.20 -5.04 -15.72
CA HIS A 131 -12.59 -5.52 -14.49
C HIS A 131 -11.45 -4.56 -14.13
N VAL A 132 -10.68 -4.14 -15.14
CA VAL A 132 -9.61 -3.15 -14.90
C VAL A 132 -10.17 -1.85 -14.36
N GLN A 133 -11.25 -1.36 -14.95
CA GLN A 133 -11.87 -0.15 -14.46
C GLN A 133 -12.18 -0.27 -12.99
N PHE A 134 -12.81 -1.37 -12.60
CA PHE A 134 -13.23 -1.54 -11.21
C PHE A 134 -12.04 -1.60 -10.26
N LEU A 135 -11.01 -2.38 -10.62
CA LEU A 135 -9.84 -2.51 -9.74
C LEU A 135 -9.05 -1.20 -9.63
N ILE A 136 -8.77 -0.56 -10.76
CA ILE A 136 -7.98 0.68 -10.70
C ILE A 136 -8.81 1.78 -10.02
N TYR A 137 -10.12 1.80 -10.24
CA TYR A 137 -10.99 2.76 -9.56
C TYR A 137 -10.77 2.64 -8.04
N GLN A 138 -10.80 1.42 -7.53
CA GLN A 138 -10.64 1.21 -6.10
C GLN A 138 -9.25 1.60 -5.60
N ILE A 139 -8.21 1.30 -6.37
CA ILE A 139 -6.88 1.73 -5.97
C ILE A 139 -6.84 3.24 -5.86
N LEU A 140 -7.33 3.92 -6.88
CA LEU A 140 -7.33 5.40 -6.86
C LEU A 140 -8.19 6.00 -5.76
N ARG A 141 -9.31 5.36 -5.45
CA ARG A 141 -10.17 5.80 -4.38
C ARG A 141 -9.44 5.71 -3.03
N GLY A 142 -8.75 4.59 -2.80
CA GLY A 142 -7.94 4.41 -1.62
C GLY A 142 -6.79 5.40 -1.59
N LEU A 143 -6.17 5.64 -2.75
CA LEU A 143 -5.04 6.58 -2.78
C LEU A 143 -5.48 8.02 -2.53
N LYS A 144 -6.65 8.39 -3.05
CA LYS A 144 -7.14 9.75 -2.77
C LYS A 144 -7.21 9.93 -1.26
N TYR A 145 -7.71 8.91 -0.58
CA TYR A 145 -7.83 8.96 0.86
C TYR A 145 -6.44 9.02 1.53
N ILE A 146 -5.57 8.09 1.16
CA ILE A 146 -4.22 8.07 1.76
C ILE A 146 -3.52 9.40 1.52
N HIS A 147 -3.54 9.87 0.28
CA HIS A 147 -2.88 11.15 -0.07
C HIS A 147 -3.46 12.34 0.67
N SER A 148 -4.78 12.33 0.88
CA SER A 148 -5.41 13.39 1.66
C SER A 148 -4.94 13.45 3.12
N ALA A 149 -4.36 12.37 3.65
CA ALA A 149 -3.75 12.37 4.98
C ALA A 149 -2.27 12.76 4.92
N ASP A 150 -1.84 13.26 3.77
CA ASP A 150 -0.46 13.66 3.54
C ASP A 150 0.47 12.48 3.74
N ILE A 151 0.05 11.31 3.25
CA ILE A 151 0.85 10.10 3.24
C ILE A 151 1.11 9.74 1.79
N ILE A 152 2.31 9.28 1.51
CA ILE A 152 2.67 8.70 0.22
C ILE A 152 2.99 7.24 0.50
N HIS A 153 2.38 6.35 -0.26
CA HIS A 153 2.60 4.92 -0.07
C HIS A 153 4.06 4.55 -0.43
N ARG A 154 4.51 5.02 -1.60
CA ARG A 154 5.90 4.90 -2.11
CA ARG A 154 5.91 4.90 -2.09
C ARG A 154 6.33 3.53 -2.64
N ASP A 155 5.57 2.49 -2.32
CA ASP A 155 5.93 1.14 -2.71
C ASP A 155 4.72 0.35 -3.20
N LEU A 156 3.89 1.00 -4.01
CA LEU A 156 2.67 0.40 -4.47
C LEU A 156 3.01 -0.60 -5.57
N LYS A 157 2.46 -1.80 -5.43
CA LYS A 157 2.71 -2.87 -6.39
C LYS A 157 1.63 -3.92 -6.18
N PRO A 158 1.48 -4.86 -7.14
CA PRO A 158 0.37 -5.79 -7.04
C PRO A 158 0.34 -6.64 -5.75
N SER A 159 1.51 -6.96 -5.21
CA SER A 159 1.57 -7.74 -3.96
C SER A 159 1.08 -6.96 -2.73
N ASN A 160 1.03 -5.63 -2.81
CA ASN A 160 0.46 -4.81 -1.74
C ASN A 160 -1.01 -4.49 -1.95
N LEU A 161 -1.70 -5.22 -2.84
CA LEU A 161 -3.10 -4.94 -3.15
C LEU A 161 -3.89 -6.21 -2.92
N ALA A 162 -4.66 -6.23 -1.85
CA ALA A 162 -5.45 -7.41 -1.52
C ALA A 162 -6.72 -7.33 -2.35
N VAL A 163 -7.16 -8.46 -2.89
CA VAL A 163 -8.39 -8.49 -3.68
C VAL A 163 -9.17 -9.72 -3.29
N ASN A 164 -10.41 -9.55 -2.85
CA ASN A 164 -11.26 -10.68 -2.50
C ASN A 164 -12.03 -11.22 -3.70
N GLU A 165 -12.85 -12.24 -3.46
CA GLU A 165 -13.57 -12.88 -4.55
C GLU A 165 -14.62 -11.99 -5.23
N ASP A 166 -15.07 -10.94 -4.53
CA ASP A 166 -15.90 -9.89 -5.14
C ASP A 166 -15.09 -8.81 -5.90
N SER A 167 -13.78 -9.02 -6.07
CA SER A 167 -12.84 -8.04 -6.62
C SER A 167 -12.83 -6.75 -5.84
N GLU A 168 -13.19 -6.80 -4.56
CA GLU A 168 -13.05 -5.64 -3.69
C GLU A 168 -11.60 -5.60 -3.27
N LEU A 169 -11.04 -4.41 -3.30
CA LEU A 169 -9.60 -4.23 -3.20
C LEU A 169 -9.25 -3.38 -2.00
N LYS A 170 -8.15 -3.74 -1.32
CA LYS A 170 -7.58 -2.92 -0.25
C LYS A 170 -6.10 -2.70 -0.48
N ILE A 171 -5.68 -1.47 -0.23
CA ILE A 171 -4.25 -1.13 -0.30
C ILE A 171 -3.61 -1.49 1.03
N LEU A 172 -2.53 -2.26 0.95
CA LEU A 172 -1.77 -2.72 2.08
C LEU A 172 -0.39 -2.08 2.07
N ASP A 173 0.28 -2.09 3.22
CA ASP A 173 1.70 -1.68 3.28
CA ASP A 173 1.67 -1.67 3.38
C ASP A 173 2.60 -2.89 3.56
N PHE A 174 2.09 -4.07 3.22
CA PHE A 174 2.80 -5.34 3.34
C PHE A 174 2.27 -6.29 2.28
N GLY A 175 3.01 -7.35 2.02
CA GLY A 175 2.54 -8.43 1.16
C GLY A 175 1.95 -9.53 2.01
N LEU A 176 0.98 -10.25 1.48
CA LEU A 176 0.39 -11.38 2.21
C LEU A 176 1.41 -12.51 2.30
N ALA A 177 1.26 -13.39 3.29
CA ALA A 177 2.20 -14.50 3.49
C ALA A 177 2.02 -15.55 2.41
N ARG A 178 3.12 -16.01 1.83
CA ARG A 178 3.08 -17.06 0.82
C ARG A 178 2.89 -18.40 1.53
N HIS A 179 2.09 -19.29 0.95
CA HIS A 179 1.93 -20.64 1.47
C HIS A 179 3.27 -21.37 1.48
N THR A 180 3.52 -22.14 2.54
CA THR A 180 4.77 -22.90 2.68
C THR A 180 4.98 -23.96 1.60
N ASP A 181 3.89 -24.43 0.99
CA ASP A 181 3.94 -25.36 -0.17
C ASP A 181 3.79 -24.65 -1.54
N ASP A 182 3.97 -23.33 -1.58
CA ASP A 182 3.82 -22.53 -2.80
C ASP A 182 5.18 -22.16 -3.37
N ALA A 189 9.89 -7.88 -9.51
CA ALA A 189 10.61 -7.01 -8.59
C ALA A 189 9.82 -5.78 -8.16
N THR A 190 10.11 -5.31 -6.96
CA THR A 190 9.57 -4.03 -6.43
C THR A 190 9.82 -2.82 -7.34
N ARG A 191 11.05 -2.77 -7.84
CA ARG A 191 11.50 -1.74 -8.77
C ARG A 191 10.65 -1.61 -10.02
N TRP A 192 9.94 -2.67 -10.43
CA TRP A 192 9.14 -2.60 -11.65
C TRP A 192 8.03 -1.56 -11.60
N TYR A 193 7.59 -1.19 -10.39
CA TYR A 193 6.47 -0.25 -10.23
C TYR A 193 6.90 1.10 -9.68
N ARG A 194 8.20 1.27 -9.48
CA ARG A 194 8.72 2.52 -8.89
C ARG A 194 8.86 3.66 -9.86
N ALA A 195 8.48 4.86 -9.44
CA ALA A 195 8.60 6.01 -10.29
C ALA A 195 10.06 6.33 -10.60
N PRO A 196 10.32 6.85 -11.81
CA PRO A 196 11.68 7.10 -12.22
C PRO A 196 12.40 8.11 -11.33
N GLU A 197 11.70 9.16 -10.89
CA GLU A 197 12.29 10.11 -9.96
C GLU A 197 12.84 9.45 -8.68
N ILE A 198 12.20 8.38 -8.21
CA ILE A 198 12.73 7.65 -7.04
C ILE A 198 13.93 6.82 -7.47
N MET A 199 13.83 6.18 -8.63
CA MET A 199 14.94 5.39 -9.21
C MET A 199 16.18 6.24 -9.44
N LEU A 200 15.98 7.50 -9.82
CA LEU A 200 17.07 8.46 -10.09
C LEU A 200 17.54 9.26 -8.87
N ASN A 201 16.82 9.13 -7.75
CA ASN A 201 17.09 9.90 -6.53
C ASN A 201 16.98 11.41 -6.76
N TRP A 202 15.94 11.83 -7.48
CA TRP A 202 15.62 13.25 -7.62
C TRP A 202 14.96 13.80 -6.36
N HIS A 204 13.40 15.52 -4.31
CA HIS A 204 12.04 16.03 -4.26
C HIS A 204 11.09 15.18 -5.10
N TYR A 205 10.02 14.72 -4.48
CA TYR A 205 8.98 13.96 -5.18
C TYR A 205 7.65 14.25 -4.53
N ASN A 206 6.57 13.93 -5.23
CA ASN A 206 5.27 14.25 -4.73
C ASN A 206 4.44 12.99 -4.67
N GLN A 207 3.18 13.15 -4.32
CA GLN A 207 2.31 12.00 -4.12
C GLN A 207 2.08 11.21 -5.39
N THR A 208 2.28 11.84 -6.55
CA THR A 208 2.09 11.13 -7.81
C THR A 208 3.17 10.07 -8.08
N VAL A 209 4.15 9.91 -7.21
CA VAL A 209 4.97 8.68 -7.33
C VAL A 209 4.06 7.45 -7.26
N ASP A 210 2.99 7.54 -6.46
CA ASP A 210 2.05 6.42 -6.33
C ASP A 210 1.21 6.26 -7.58
N ILE A 211 0.91 7.38 -8.22
CA ILE A 211 0.16 7.36 -9.48
C ILE A 211 0.95 6.69 -10.59
N TRP A 212 2.26 6.92 -10.63
CA TRP A 212 3.11 6.15 -11.53
C TRP A 212 2.91 4.66 -11.35
N SER A 213 2.96 4.20 -10.10
CA SER A 213 2.79 2.78 -9.80
C SER A 213 1.43 2.27 -10.28
N VAL A 214 0.39 3.06 -10.06
CA VAL A 214 -0.93 2.68 -10.54
C VAL A 214 -0.93 2.53 -12.08
N GLY A 215 -0.25 3.42 -12.79
CA GLY A 215 -0.22 3.35 -14.25
C GLY A 215 0.45 2.06 -14.67
N CYS A 216 1.54 1.72 -13.98
CA CYS A 216 2.24 0.46 -14.23
C CYS A 216 1.36 -0.75 -14.00
N ILE A 217 0.59 -0.71 -12.91
CA ILE A 217 -0.31 -1.79 -12.56
C ILE A 217 -1.43 -1.89 -13.58
N MET A 218 -2.04 -0.76 -13.90
CA MET A 218 -3.10 -0.74 -14.89
C MET A 218 -2.66 -1.28 -16.24
N ALA A 219 -1.45 -0.89 -16.68
CA ALA A 219 -0.93 -1.37 -17.94
C ALA A 219 -0.84 -2.90 -17.93
N GLU A 220 -0.33 -3.44 -16.85
CA GLU A 220 -0.15 -4.87 -16.71
C GLU A 220 -1.47 -5.62 -16.68
N LEU A 221 -2.46 -5.07 -15.98
CA LEU A 221 -3.78 -5.70 -15.95
C LEU A 221 -4.39 -5.75 -17.33
N LEU A 222 -4.18 -4.69 -18.11
CA LEU A 222 -4.75 -4.65 -19.45
C LEU A 222 -4.05 -5.56 -20.45
N THR A 223 -2.72 -5.62 -20.36
CA THR A 223 -1.91 -6.31 -21.36
C THR A 223 -1.53 -7.73 -20.98
N GLY A 224 -1.61 -8.03 -19.68
CA GLY A 224 -1.13 -9.30 -19.15
C GLY A 224 0.38 -9.38 -19.02
N ARG A 225 1.09 -8.27 -19.18
CA ARG A 225 2.55 -8.29 -19.10
C ARG A 225 3.06 -7.11 -18.30
N THR A 226 4.14 -7.33 -17.56
CA THR A 226 4.76 -6.24 -16.81
C THR A 226 5.17 -5.15 -17.78
N LEU A 227 4.86 -3.90 -17.43
CA LEU A 227 5.13 -2.79 -18.33
C LEU A 227 6.63 -2.57 -18.44
N PHE A 228 7.31 -2.52 -17.30
CA PHE A 228 8.74 -2.20 -17.24
C PHE A 228 9.46 -3.26 -16.39
N PRO A 229 9.69 -4.44 -16.94
CA PRO A 229 10.33 -5.51 -16.18
C PRO A 229 11.86 -5.41 -16.24
N GLY A 230 12.39 -4.37 -15.62
CA GLY A 230 13.85 -4.19 -15.62
C GLY A 230 14.58 -5.28 -14.87
N THR A 231 15.74 -5.65 -15.40
CA THR A 231 16.60 -6.67 -14.81
C THR A 231 17.39 -6.15 -13.62
N ASP A 232 17.55 -4.85 -13.57
CA ASP A 232 18.30 -4.18 -12.52
C ASP A 232 17.91 -2.71 -12.52
N HIS A 233 18.54 -1.91 -11.66
CA HIS A 233 18.14 -0.51 -11.52
CA HIS A 233 18.20 -0.50 -11.50
C HIS A 233 18.36 0.26 -12.82
N ILE A 234 19.48 0.04 -13.50
CA ILE A 234 19.81 0.78 -14.72
C ILE A 234 18.86 0.39 -15.84
N ASP A 235 18.65 -0.91 -15.99
CA ASP A 235 17.74 -1.43 -17.02
C ASP A 235 16.33 -0.90 -16.83
N GLN A 236 15.89 -0.85 -15.57
CA GLN A 236 14.58 -0.32 -15.23
C GLN A 236 14.41 1.07 -15.79
N LEU A 237 15.40 1.93 -15.57
CA LEU A 237 15.29 3.28 -16.05
C LEU A 237 15.31 3.33 -17.56
N LYS A 238 16.11 2.47 -18.19
CA LYS A 238 16.16 2.45 -19.64
C LYS A 238 14.82 2.05 -20.24
N LEU A 239 14.16 1.08 -19.64
CA LEU A 239 12.87 0.65 -20.12
C LEU A 239 11.83 1.73 -19.96
N ILE A 240 11.86 2.42 -18.83
CA ILE A 240 10.93 3.53 -18.59
C ILE A 240 11.12 4.61 -19.63
N LEU A 241 12.36 5.06 -19.80
CA LEU A 241 12.63 6.20 -20.67
C LEU A 241 12.36 5.89 -22.14
N ARG A 242 12.45 4.62 -22.53
CA ARG A 242 12.08 4.23 -23.88
C ARG A 242 10.60 4.48 -24.17
N LEU A 243 9.76 4.33 -23.15
CA LEU A 243 8.35 4.59 -23.31
C LEU A 243 7.99 6.05 -23.17
N VAL A 244 8.47 6.68 -22.10
CA VAL A 244 8.00 8.00 -21.73
C VAL A 244 8.91 9.11 -22.26
N GLY A 245 10.01 8.72 -22.91
CA GLY A 245 10.94 9.67 -23.53
C GLY A 245 11.96 10.14 -22.53
N THR A 246 13.11 10.57 -23.05
CA THR A 246 14.08 11.35 -22.30
C THR A 246 13.44 12.67 -21.84
N PRO A 247 13.92 13.24 -20.72
CA PRO A 247 13.34 14.52 -20.29
C PRO A 247 13.29 15.62 -21.35
N GLY A 248 12.13 16.26 -21.47
CA GLY A 248 11.95 17.41 -22.32
C GLY A 248 12.57 18.62 -21.68
N ALA A 249 12.54 19.73 -22.41
CA ALA A 249 13.12 21.00 -21.96
C ALA A 249 12.53 21.50 -20.65
N GLU A 250 11.21 21.41 -20.49
CA GLU A 250 10.57 21.91 -19.26
C GLU A 250 11.02 21.14 -18.02
N LEU A 251 11.17 19.83 -18.17
CA LEU A 251 11.62 19.00 -17.06
C LEU A 251 13.09 19.24 -16.76
N LEU A 252 13.94 19.35 -17.79
CA LEU A 252 15.35 19.62 -17.56
C LEU A 252 15.60 20.92 -16.80
N LYS A 253 14.75 21.92 -17.02
CA LYS A 253 14.85 23.19 -16.31
C LYS A 253 14.62 23.05 -14.80
N LYS A 254 14.01 21.94 -14.39
CA LYS A 254 13.73 21.70 -12.98
C LYS A 254 14.76 20.84 -12.27
N ILE A 255 15.83 20.45 -12.95
CA ILE A 255 16.82 19.57 -12.35
C ILE A 255 17.97 20.44 -11.87
N SER A 256 18.09 20.57 -10.55
CA SER A 256 19.06 21.49 -9.93
C SER A 256 20.52 21.08 -10.12
N SER A 257 20.78 19.77 -10.12
CA SER A 257 22.13 19.23 -10.20
C SER A 257 22.68 19.09 -11.63
N GLU A 258 23.87 19.64 -11.87
CA GLU A 258 24.61 19.49 -13.13
C GLU A 258 24.82 18.03 -13.50
N SER A 259 25.41 17.28 -12.57
CA SER A 259 25.64 15.84 -12.76
C SER A 259 24.36 15.07 -13.06
N ALA A 260 23.28 15.39 -12.34
CA ALA A 260 21.98 14.77 -12.60
C ALA A 260 21.46 15.04 -14.02
N ARG A 261 21.58 16.28 -14.47
CA ARG A 261 21.24 16.63 -15.85
C ARG A 261 22.17 15.91 -16.84
N ASN A 262 23.46 15.98 -16.57
CA ASN A 262 24.50 15.25 -17.33
C ASN A 262 24.27 13.72 -17.37
N TYR A 263 23.66 13.15 -16.32
CA TYR A 263 23.39 11.69 -16.25
C TYR A 263 22.17 11.18 -17.04
N ILE A 264 20.96 11.66 -16.72
CA ILE A 264 19.72 11.17 -17.37
C ILE A 264 19.73 11.13 -18.90
N GLN A 265 20.45 12.06 -19.51
CA GLN A 265 20.55 12.14 -20.96
C GLN A 265 21.56 11.11 -21.48
N GLN A 269 18.04 8.72 -25.01
CA GLN A 269 17.99 9.89 -25.89
C GLN A 269 16.78 9.91 -26.87
N MET A 270 15.76 9.10 -26.62
CA MET A 270 14.63 8.95 -27.56
C MET A 270 13.38 9.69 -27.11
N PRO A 271 12.48 10.04 -28.06
CA PRO A 271 11.24 10.72 -27.71
C PRO A 271 10.20 9.77 -27.15
N LYS A 272 9.15 10.35 -26.56
CA LYS A 272 8.03 9.60 -26.00
C LYS A 272 7.40 8.74 -27.10
N MET A 273 6.99 7.53 -26.74
CA MET A 273 6.21 6.68 -27.65
C MET A 273 4.76 7.12 -27.57
N ASN A 274 4.01 6.87 -28.63
CA ASN A 274 2.57 7.15 -28.62
C ASN A 274 1.92 5.93 -27.99
N PHE A 275 1.30 6.14 -26.83
CA PHE A 275 0.76 5.01 -26.06
C PHE A 275 -0.35 4.29 -26.83
N ALA A 276 -1.02 4.99 -27.75
CA ALA A 276 -2.02 4.33 -28.60
C ALA A 276 -1.42 3.23 -29.48
N ASN A 277 -0.12 3.38 -29.81
CA ASN A 277 0.65 2.38 -30.55
C ASN A 277 1.37 1.35 -29.69
N VAL A 278 1.28 1.52 -28.38
CA VAL A 278 1.85 0.60 -27.43
C VAL A 278 0.76 -0.32 -26.89
N PHE A 279 -0.35 0.27 -26.46
CA PHE A 279 -1.45 -0.49 -25.84
C PHE A 279 -2.53 -0.79 -26.87
N ILE A 280 -2.14 -1.65 -27.79
CA ILE A 280 -2.92 -1.96 -28.99
C ILE A 280 -4.17 -2.69 -28.58
N GLY A 281 -5.33 -2.15 -29.00
CA GLY A 281 -6.64 -2.73 -28.72
C GLY A 281 -7.27 -2.36 -27.39
N ALA A 282 -6.56 -1.59 -26.56
CA ALA A 282 -7.12 -1.09 -25.32
C ALA A 282 -8.17 -0.02 -25.57
N ASN A 283 -9.11 0.06 -24.64
CA ASN A 283 -10.06 1.15 -24.56
C ASN A 283 -9.31 2.48 -24.71
N PRO A 284 -9.70 3.32 -25.67
CA PRO A 284 -9.00 4.61 -25.82
C PRO A 284 -8.94 5.48 -24.56
N LEU A 285 -9.97 5.39 -23.71
CA LEU A 285 -9.97 6.11 -22.44
C LEU A 285 -8.94 5.55 -21.48
N ALA A 286 -8.69 4.25 -21.55
CA ALA A 286 -7.62 3.63 -20.73
C ALA A 286 -6.27 4.14 -21.20
N VAL A 287 -6.10 4.20 -22.51
CA VAL A 287 -4.84 4.70 -23.08
C VAL A 287 -4.63 6.15 -22.66
N ASP A 288 -5.68 6.96 -22.71
CA ASP A 288 -5.60 8.36 -22.32
C ASP A 288 -5.25 8.50 -20.83
N LEU A 289 -5.85 7.68 -19.99
CA LEU A 289 -5.52 7.74 -18.56
C LEU A 289 -4.07 7.33 -18.32
N LEU A 290 -3.61 6.27 -18.99
CA LEU A 290 -2.23 5.83 -18.84
C LEU A 290 -1.27 6.93 -19.25
N GLU A 291 -1.58 7.66 -20.34
CA GLU A 291 -0.74 8.78 -20.74
CA GLU A 291 -0.74 8.80 -20.75
C GLU A 291 -0.64 9.80 -19.61
N LYS A 292 -1.74 10.02 -18.90
CA LYS A 292 -1.73 11.01 -17.85
C LYS A 292 -1.05 10.52 -16.56
N MET A 293 -1.02 9.21 -16.33
CA MET A 293 -0.34 8.65 -15.15
C MET A 293 1.13 8.41 -15.37
N LEU A 294 1.53 8.10 -16.60
CA LEU A 294 2.91 7.70 -16.85
C LEU A 294 3.69 8.85 -17.49
N VAL A 295 3.51 10.05 -16.97
CA VAL A 295 4.27 11.21 -17.43
C VAL A 295 5.56 11.25 -16.65
N LEU A 296 6.66 11.55 -17.34
CA LEU A 296 7.94 11.55 -16.69
C LEU A 296 7.98 12.64 -15.61
N ASP A 297 7.56 13.84 -15.99
CA ASP A 297 7.57 15.00 -15.09
C ASP A 297 6.44 14.82 -14.10
N SER A 298 6.79 14.56 -12.85
CA SER A 298 5.79 14.33 -11.81
C SER A 298 4.92 15.55 -11.49
N ASP A 299 5.37 16.76 -11.81
CA ASP A 299 4.52 17.97 -11.71
C ASP A 299 3.32 17.95 -12.65
N LYS A 300 3.39 17.15 -13.72
CA LYS A 300 2.34 17.09 -14.72
C LYS A 300 1.55 15.79 -14.67
N ARG A 301 1.87 14.93 -13.73
CA ARG A 301 1.24 13.63 -13.58
C ARG A 301 -0.12 13.85 -12.92
N ILE A 302 -1.13 13.14 -13.40
CA ILE A 302 -2.47 13.25 -12.84
C ILE A 302 -2.45 12.82 -11.35
N THR A 303 -3.30 13.45 -10.54
CA THR A 303 -3.43 13.09 -9.12
C THR A 303 -4.52 12.03 -8.98
N ALA A 304 -4.65 11.44 -7.79
CA ALA A 304 -5.68 10.41 -7.59
C ALA A 304 -7.07 11.00 -7.78
N ALA A 305 -7.32 12.15 -7.16
CA ALA A 305 -8.62 12.82 -7.28
C ALA A 305 -8.95 13.14 -8.73
N GLN A 306 -7.98 13.65 -9.47
CA GLN A 306 -8.20 13.95 -10.88
C GLN A 306 -8.48 12.69 -11.67
N ALA A 307 -7.76 11.63 -11.36
CA ALA A 307 -7.92 10.37 -12.06
C ALA A 307 -9.30 9.77 -11.85
N LEU A 308 -9.85 9.93 -10.66
CA LEU A 308 -11.19 9.39 -10.36
C LEU A 308 -12.27 10.00 -11.22
N ALA A 309 -12.08 11.27 -11.57
CA ALA A 309 -12.99 12.02 -12.43
C ALA A 309 -12.77 11.76 -13.91
N HIS A 310 -11.75 10.99 -14.27
CA HIS A 310 -11.49 10.67 -15.66
C HIS A 310 -12.62 9.79 -16.24
N ALA A 311 -12.96 10.04 -17.50
CA ALA A 311 -14.06 9.32 -18.16
C ALA A 311 -13.96 7.81 -18.13
N TYR A 312 -12.74 7.26 -18.07
CA TYR A 312 -12.53 5.83 -17.94
C TYR A 312 -13.33 5.20 -16.81
N PHE A 313 -13.52 5.93 -15.72
CA PHE A 313 -14.22 5.44 -14.54
C PHE A 313 -15.67 5.85 -14.45
N ALA A 314 -16.26 6.24 -15.58
CA ALA A 314 -17.63 6.78 -15.54
C ALA A 314 -18.66 5.83 -14.92
N GLN A 315 -18.48 4.52 -15.06
CA GLN A 315 -19.45 3.59 -14.48
C GLN A 315 -19.30 3.39 -12.96
N TYR A 316 -18.16 3.83 -12.39
CA TYR A 316 -17.92 3.66 -10.95
C TYR A 316 -17.84 4.96 -10.17
N HIS A 317 -17.49 6.05 -10.85
CA HIS A 317 -17.17 7.30 -10.19
C HIS A 317 -18.39 7.88 -9.49
N ASP A 318 -18.23 8.23 -8.22
CA ASP A 318 -19.25 8.90 -7.47
C ASP A 318 -18.53 9.96 -6.66
N PRO A 319 -18.64 11.25 -7.08
CA PRO A 319 -17.88 12.29 -6.40
C PRO A 319 -18.31 12.49 -4.94
N ASP A 320 -19.48 11.97 -4.58
CA ASP A 320 -19.94 12.01 -3.21
C ASP A 320 -19.61 10.77 -2.37
N ASP A 321 -18.90 9.80 -2.96
CA ASP A 321 -18.50 8.64 -2.20
C ASP A 321 -17.06 8.29 -2.47
N GLU A 322 -16.19 9.32 -2.45
CA GLU A 322 -14.75 9.16 -2.60
C GLU A 322 -14.17 9.98 -1.48
N PRO A 323 -14.30 9.48 -0.24
CA PRO A 323 -13.99 10.30 0.92
C PRO A 323 -12.53 10.63 1.09
N VAL A 324 -12.29 11.64 1.91
CA VAL A 324 -10.96 12.00 2.31
C VAL A 324 -10.81 11.75 3.80
N ALA A 325 -9.55 11.69 4.23
CA ALA A 325 -9.20 11.38 5.58
C ALA A 325 -9.24 12.63 6.40
N ASP A 326 -9.38 12.45 7.71
CA ASP A 326 -9.20 13.54 8.62
C ASP A 326 -7.74 13.96 8.58
N PRO A 327 -7.46 15.21 8.94
CA PRO A 327 -6.05 15.62 8.98
C PRO A 327 -5.26 14.70 9.88
N TYR A 328 -4.06 14.34 9.45
CA TYR A 328 -3.27 13.34 10.15
C TYR A 328 -2.03 14.00 10.77
N ASP A 329 -1.98 14.02 12.10
CA ASP A 329 -0.88 14.68 12.82
C ASP A 329 0.29 13.70 12.86
N GLN A 330 1.31 13.97 12.05
CA GLN A 330 2.52 13.15 11.99
C GLN A 330 3.73 13.84 12.64
N SER A 331 3.46 14.82 13.49
CA SER A 331 4.53 15.59 14.17
C SER A 331 5.42 14.71 15.03
N PHE A 332 4.89 13.58 15.50
CA PHE A 332 5.73 12.61 16.25
C PHE A 332 6.96 12.16 15.47
N GLU A 333 6.89 12.20 14.15
CA GLU A 333 8.01 11.75 13.34
C GLU A 333 9.27 12.57 13.62
N SER A 334 9.09 13.85 13.94
CA SER A 334 10.20 14.75 14.23
C SER A 334 10.77 14.63 15.65
N ARG A 335 10.16 13.80 16.51
CA ARG A 335 10.54 13.76 17.91
C ARG A 335 11.47 12.63 18.25
N ASP A 336 12.36 12.90 19.20
CA ASP A 336 13.34 11.97 19.69
C ASP A 336 13.01 11.72 21.16
N LEU A 337 12.32 10.61 21.43
CA LEU A 337 11.85 10.30 22.77
C LEU A 337 12.49 9.02 23.27
N LEU A 338 12.29 8.74 24.55
CA LEU A 338 12.81 7.52 25.15
C LEU A 338 11.84 6.35 24.93
N ILE A 339 12.34 5.12 25.13
CA ILE A 339 11.50 3.92 24.91
C ILE A 339 10.21 4.00 25.69
N ASP A 340 10.29 4.30 26.98
CA ASP A 340 9.08 4.28 27.80
C ASP A 340 8.10 5.35 27.39
N GLU A 341 8.59 6.44 26.80
CA GLU A 341 7.69 7.47 26.28
C GLU A 341 6.93 6.95 25.06
N TRP A 342 7.65 6.39 24.09
CA TRP A 342 6.98 5.78 22.93
C TRP A 342 6.06 4.67 23.37
N LYS A 343 6.50 3.90 24.36
CA LYS A 343 5.68 2.80 24.87
C LYS A 343 4.39 3.31 25.48
N SER A 344 4.49 4.37 26.29
CA SER A 344 3.33 4.97 26.93
C SER A 344 2.38 5.57 25.90
N LEU A 345 2.93 6.25 24.91
CA LEU A 345 2.10 6.82 23.84
C LEU A 345 1.38 5.70 23.09
N THR A 346 2.08 4.60 22.87
CA THR A 346 1.49 3.45 22.19
C THR A 346 0.38 2.87 23.05
N TYR A 347 0.64 2.72 24.34
CA TYR A 347 -0.35 2.17 25.26
C TYR A 347 -1.61 3.04 25.27
N ASP A 348 -1.45 4.37 25.30
CA ASP A 348 -2.59 5.29 25.20
C ASP A 348 -3.42 4.99 23.96
N GLU A 349 -2.75 4.75 22.85
CA GLU A 349 -3.41 4.45 21.57
C GLU A 349 -4.15 3.13 21.58
N VAL A 350 -3.61 2.14 22.28
CA VAL A 350 -4.29 0.85 22.46
C VAL A 350 -5.56 1.10 23.27
N ILE A 351 -5.43 1.80 24.39
CA ILE A 351 -6.60 2.07 25.26
C ILE A 351 -7.69 2.92 24.59
N SER A 352 -7.31 3.91 23.78
CA SER A 352 -8.31 4.79 23.16
C SER A 352 -8.97 4.18 21.93
N PHE A 353 -8.49 3.03 21.46
CA PHE A 353 -9.06 2.41 20.27
C PHE A 353 -10.56 2.16 20.38
N VAL A 354 -11.28 2.56 19.35
CA VAL A 354 -12.71 2.33 19.23
C VAL A 354 -12.90 1.51 17.97
N PRO A 355 -13.46 0.28 18.08
CA PRO A 355 -13.62 -0.50 16.84
C PRO A 355 -14.59 0.17 15.86
N PRO A 356 -14.41 -0.09 14.56
CA PRO A 356 -15.33 0.47 13.56
C PRO A 356 -16.68 -0.26 13.65
N PRO A 357 -17.76 0.35 13.13
CA PRO A 357 -19.07 -0.29 13.22
C PRO A 357 -19.18 -1.57 12.38
C4 AQY B . -1.73 -7.89 9.39
C5 AQY B . -2.45 -8.69 10.30
C6 AQY B . -3.33 -8.10 11.19
C7 AQY B . -3.44 -6.71 11.19
C13 AQY B . 2.90 -10.04 6.41
C17 AQY B . -0.98 -9.55 7.53
C20 AQY B . -4.62 -10.10 6.67
C22 AQY B . -3.42 -11.92 5.85
C24 AQY B . -2.51 -13.79 4.52
C26 AQY B . -2.91 -15.04 3.83
C28 AQY B . -2.62 -16.72 2.15
C1 AQY B . -2.86 -4.43 10.31
C2 AQY B . -2.71 -5.93 10.30
C3 AQY B . -1.83 -6.50 9.41
F8 AQY B . -4.30 -6.14 12.05
C9 AQY B . -0.78 -8.56 8.49
N10 AQY B . 0.53 -8.29 8.55
C11 AQY B . 1.16 -9.05 7.68
C12 AQY B . 2.54 -9.14 7.37
C14 AQY B . 1.95 -10.86 5.77
N15 AQY B . 0.68 -10.75 6.04
N16 AQY B . 0.26 -9.84 7.02
C18 AQY B . -2.24 -10.17 7.04
C19 AQY B . -3.47 -9.51 7.18
N21 AQY B . -4.57 -11.26 6.03
N23 AQY B . -3.50 -13.11 5.15
O25 AQY B . -1.34 -13.43 4.52
C27 AQY B . -2.16 -15.56 2.76
N29 AQY B . -3.75 -17.31 2.55
O30 AQY B . -4.16 -18.49 1.89
C31 AQY B . -4.48 -16.83 3.55
C32 AQY B . -5.76 -17.52 3.98
C33 AQY B . -4.10 -15.69 4.21
C34 AQY B . -2.22 -11.39 6.33
#